data_3ZGC
#
_entry.id   3ZGC
#
_cell.length_a   76.103
_cell.length_b   76.064
_cell.length_c   207.541
_cell.angle_alpha   90.00
_cell.angle_beta   90.00
_cell.angle_gamma   90.00
#
_symmetry.space_group_name_H-M   'P 21 21 21'
#
loop_
_entity.id
_entity.type
_entity.pdbx_description
1 polymer 'KELCH-LIKE ECH-ASSOCIATED PROTEIN 1'
2 polymer 'NUCLEAR FACTOR ERYTHROID 2-RELATED FACTOR 2'
3 non-polymer 'ACETATE ION'
4 water water
#
loop_
_entity_poly.entity_id
_entity_poly.type
_entity_poly.pdbx_seq_one_letter_code
_entity_poly.pdbx_strand_id
1 'polypeptide(L)'
;MGSSHHHHHHSSGLVPRGSHMAPKVGRLIYTAGGYFRQSLSYLEAYNPSDGTWLRLADLQVPRSGLAGCVVGGLLYAVGG
RNNSPDGNTDSSALDCYNPMTNQWSPCAPMSVPRNRIGVGVIDGHIYAVGGSHGCIHHNSVERYEPERDEWHLVAPMLTR
RIGVGVAVLNRLLYAVGGFDGTNRLNSAECYYPERNEWRMITAMNTIRSGAGVCVLHNCIYAAGGYDGQDQLNSVERYDV
ATATWTFVAPMKHRRSALGITVHQGRIYVLGGYDGHTFLDSVECYDPDTDTWSEVTRMTSGRSGVGVAVT
;
A,B
2 'polypeptide(L)' GDEETGE C
#
loop_
_chem_comp.id
_chem_comp.type
_chem_comp.name
_chem_comp.formula
ACT non-polymer 'ACETATE ION' 'C2 H3 O2 -1'
#
# COMPACT_ATOMS: atom_id res chain seq x y z
N GLY A 26 -34.78 -3.44 -14.85
CA GLY A 26 -33.69 -2.49 -15.07
C GLY A 26 -32.47 -2.76 -14.21
N ARG A 27 -31.54 -3.58 -14.74
CA ARG A 27 -30.31 -3.96 -14.05
C ARG A 27 -29.30 -2.81 -14.02
N LEU A 28 -28.50 -2.72 -12.95
CA LEU A 28 -27.51 -1.66 -12.81
C LEU A 28 -26.07 -2.18 -12.84
N ILE A 29 -25.12 -1.32 -13.27
CA ILE A 29 -23.69 -1.63 -13.28
C ILE A 29 -23.14 -1.09 -11.95
N TYR A 30 -22.74 -2.00 -11.05
CA TYR A 30 -22.15 -1.67 -9.75
C TYR A 30 -20.62 -1.61 -9.81
N THR A 31 -20.04 -0.55 -9.24
CA THR A 31 -18.58 -0.37 -9.12
C THR A 31 -18.24 -0.26 -7.64
N ALA A 32 -17.38 -1.17 -7.15
CA ALA A 32 -16.97 -1.20 -5.75
C ALA A 32 -15.47 -0.98 -5.60
N GLY A 33 -15.11 -0.17 -4.60
CA GLY A 33 -13.73 0.14 -4.29
C GLY A 33 -12.98 0.88 -5.38
N GLY A 34 -11.69 0.60 -5.49
CA GLY A 34 -10.83 1.26 -6.46
C GLY A 34 -9.73 2.06 -5.80
N TYR A 35 -8.97 2.79 -6.60
CA TYR A 35 -7.83 3.57 -6.13
C TYR A 35 -7.68 4.92 -6.82
N PHE A 36 -7.42 5.94 -5.99
CA PHE A 36 -7.03 7.30 -6.36
C PHE A 36 -6.36 7.87 -5.11
N ARG A 37 -5.02 7.94 -5.12
CA ARG A 37 -4.16 8.38 -4.00
C ARG A 37 -4.07 7.31 -2.91
N GLN A 38 -5.20 6.64 -2.61
CA GLN A 38 -5.32 5.54 -1.66
C GLN A 38 -6.51 4.64 -2.06
N SER A 39 -6.65 3.45 -1.45
CA SER A 39 -7.77 2.56 -1.74
C SER A 39 -9.08 3.20 -1.27
N LEU A 40 -10.14 2.98 -2.04
CA LEU A 40 -11.45 3.60 -1.82
C LEU A 40 -12.50 2.64 -1.29
N SER A 41 -13.56 3.21 -0.69
CA SER A 41 -14.70 2.52 -0.09
C SER A 41 -15.97 2.64 -0.95
N TYR A 42 -15.95 3.43 -2.02
CA TYR A 42 -17.13 3.71 -2.85
C TYR A 42 -17.84 2.51 -3.40
N LEU A 43 -19.17 2.58 -3.34
CA LEU A 43 -20.08 1.65 -4.00
C LEU A 43 -21.05 2.53 -4.73
N GLU A 44 -20.94 2.53 -6.06
CA GLU A 44 -21.81 3.32 -6.92
C GLU A 44 -22.43 2.44 -8.01
N ALA A 45 -23.65 2.79 -8.44
CA ALA A 45 -24.36 2.03 -9.47
C ALA A 45 -24.81 2.93 -10.62
N TYR A 46 -24.50 2.51 -11.85
CA TYR A 46 -24.84 3.23 -13.07
C TYR A 46 -26.01 2.58 -13.77
N ASN A 47 -26.98 3.40 -14.19
CA ASN A 47 -28.15 2.95 -14.95
C ASN A 47 -27.94 3.33 -16.41
N PRO A 48 -27.59 2.38 -17.30
CA PRO A 48 -27.36 2.74 -18.72
C PRO A 48 -28.58 3.30 -19.46
N SER A 49 -29.81 3.05 -18.94
CA SER A 49 -31.07 3.53 -19.52
C SER A 49 -31.23 5.05 -19.40
N ASP A 50 -31.06 5.62 -18.19
CA ASP A 50 -31.23 7.06 -17.94
C ASP A 50 -29.92 7.84 -17.69
N GLY A 51 -28.79 7.13 -17.66
CA GLY A 51 -27.46 7.72 -17.45
C GLY A 51 -27.20 8.25 -16.05
N THR A 52 -27.95 7.78 -15.05
CA THR A 52 -27.81 8.24 -13.67
C THR A 52 -26.88 7.35 -12.83
N TRP A 53 -26.22 7.96 -11.82
CA TRP A 53 -25.36 7.28 -10.85
C TRP A 53 -25.99 7.33 -9.46
N LEU A 54 -26.01 6.20 -8.77
CA LEU A 54 -26.54 6.07 -7.42
C LEU A 54 -25.37 5.94 -6.46
N ARG A 55 -25.40 6.67 -5.32
CA ARG A 55 -24.36 6.58 -4.29
C ARG A 55 -24.88 5.63 -3.22
N LEU A 56 -24.27 4.45 -3.12
CA LEU A 56 -24.72 3.42 -2.19
C LEU A 56 -23.84 3.30 -0.96
N ALA A 57 -24.20 2.40 -0.05
CA ALA A 57 -23.45 2.20 1.19
C ALA A 57 -22.00 1.86 0.90
N ASP A 58 -21.10 2.56 1.58
CA ASP A 58 -19.66 2.37 1.47
C ASP A 58 -19.25 0.96 1.90
N LEU A 59 -18.16 0.42 1.32
CA LEU A 59 -17.57 -0.84 1.77
C LEU A 59 -17.13 -0.61 3.23
N GLN A 60 -17.15 -1.65 4.06
CA GLN A 60 -16.70 -1.52 5.45
C GLN A 60 -15.19 -1.24 5.53
N VAL A 61 -14.40 -1.87 4.61
CA VAL A 61 -12.95 -1.72 4.52
C VAL A 61 -12.58 -1.27 3.09
N PRO A 62 -11.83 -0.14 2.89
CA PRO A 62 -11.46 0.25 1.51
C PRO A 62 -10.57 -0.78 0.85
N ARG A 63 -10.72 -0.98 -0.47
CA ARG A 63 -9.93 -1.97 -1.24
C ARG A 63 -9.85 -1.59 -2.70
N SER A 64 -8.73 -1.93 -3.32
CA SER A 64 -8.47 -1.83 -4.76
C SER A 64 -7.83 -3.16 -5.10
N GLY A 65 -7.84 -3.53 -6.37
CA GLY A 65 -7.31 -4.82 -6.80
C GLY A 65 -8.23 -5.99 -6.44
N LEU A 66 -9.48 -5.69 -6.05
CA LEU A 66 -10.54 -6.65 -5.72
C LEU A 66 -11.32 -7.03 -7.01
N ALA A 67 -12.21 -8.02 -6.89
CA ALA A 67 -13.09 -8.37 -7.99
C ALA A 67 -14.53 -8.40 -7.47
N GLY A 68 -15.47 -8.11 -8.37
CA GLY A 68 -16.89 -8.14 -8.05
C GLY A 68 -17.62 -9.22 -8.82
N CYS A 69 -18.72 -9.74 -8.27
CA CYS A 69 -19.57 -10.75 -8.90
C CYS A 69 -20.95 -10.74 -8.26
N VAL A 70 -21.93 -11.37 -8.94
CA VAL A 70 -23.29 -11.47 -8.45
C VAL A 70 -23.75 -12.93 -8.38
N VAL A 71 -24.41 -13.30 -7.26
CA VAL A 71 -25.03 -14.62 -7.04
C VAL A 71 -26.39 -14.37 -6.38
N GLY A 72 -27.46 -14.77 -7.06
CA GLY A 72 -28.83 -14.67 -6.56
C GLY A 72 -29.27 -13.27 -6.17
N GLY A 73 -28.94 -12.28 -7.00
CA GLY A 73 -29.25 -10.88 -6.79
C GLY A 73 -28.39 -10.15 -5.78
N LEU A 74 -27.45 -10.85 -5.14
CA LEU A 74 -26.54 -10.27 -4.13
C LEU A 74 -25.16 -10.01 -4.74
N LEU A 75 -24.59 -8.82 -4.46
CA LEU A 75 -23.27 -8.43 -4.95
C LEU A 75 -22.17 -8.86 -3.98
N TYR A 76 -21.07 -9.41 -4.50
CA TYR A 76 -19.94 -9.83 -3.68
C TYR A 76 -18.68 -9.06 -4.04
N ALA A 77 -17.91 -8.61 -3.02
CA ALA A 77 -16.63 -7.92 -3.17
C ALA A 77 -15.60 -8.91 -2.63
N VAL A 78 -14.65 -9.34 -3.49
CA VAL A 78 -13.69 -10.42 -3.17
C VAL A 78 -12.24 -9.94 -3.20
N GLY A 79 -11.51 -10.24 -2.13
CA GLY A 79 -10.08 -9.95 -1.99
C GLY A 79 -9.66 -8.51 -2.20
N GLY A 80 -8.50 -8.32 -2.82
CA GLY A 80 -7.95 -7.00 -3.06
C GLY A 80 -6.89 -6.62 -2.04
N ARG A 81 -6.64 -5.32 -1.91
CA ARG A 81 -5.66 -4.80 -0.96
C ARG A 81 -6.06 -3.41 -0.50
N ASN A 82 -5.94 -3.12 0.80
CA ASN A 82 -6.18 -1.78 1.31
C ASN A 82 -4.84 -1.04 1.32
N ASN A 83 -4.66 -0.16 0.34
CA ASN A 83 -3.49 0.68 0.23
C ASN A 83 -3.86 2.01 0.91
N SER A 84 -3.20 2.31 2.03
CA SER A 84 -3.37 3.56 2.80
C SER A 84 -2.03 4.29 2.83
N PRO A 85 -2.01 5.63 3.10
CA PRO A 85 -0.72 6.34 3.14
C PRO A 85 0.25 5.77 4.17
N ASP A 86 -0.29 5.25 5.30
CA ASP A 86 0.51 4.67 6.39
C ASP A 86 0.78 3.16 6.39
N GLY A 87 0.29 2.45 5.38
CA GLY A 87 0.53 1.02 5.24
C GLY A 87 -0.43 0.26 4.35
N ASN A 88 0.00 -0.93 3.90
CA ASN A 88 -0.79 -1.80 3.04
C ASN A 88 -1.28 -3.04 3.78
N THR A 89 -2.49 -3.51 3.45
CA THR A 89 -3.06 -4.73 4.02
C THR A 89 -3.73 -5.54 2.91
N ASP A 90 -3.12 -6.68 2.52
CA ASP A 90 -3.68 -7.61 1.55
C ASP A 90 -4.97 -8.21 2.16
N SER A 91 -6.01 -8.38 1.34
CA SER A 91 -7.31 -8.86 1.83
C SER A 91 -7.67 -10.28 1.41
N SER A 92 -8.18 -11.07 2.38
CA SER A 92 -8.73 -12.43 2.18
C SER A 92 -10.26 -12.35 2.34
N ALA A 93 -10.78 -11.13 2.52
CA ALA A 93 -12.20 -10.88 2.80
C ALA A 93 -13.16 -11.09 1.63
N LEU A 94 -14.37 -11.51 2.01
CA LEU A 94 -15.53 -11.67 1.13
C LEU A 94 -16.68 -10.90 1.81
N ASP A 95 -17.24 -9.90 1.11
CA ASP A 95 -18.35 -9.10 1.63
C ASP A 95 -19.50 -9.13 0.66
N CYS A 96 -20.71 -9.22 1.21
CA CYS A 96 -21.94 -9.35 0.46
C CYS A 96 -22.84 -8.12 0.59
N TYR A 97 -23.20 -7.51 -0.54
CA TYR A 97 -24.08 -6.35 -0.56
C TYR A 97 -25.47 -6.74 -1.06
N ASN A 98 -26.50 -6.34 -0.30
CA ASN A 98 -27.89 -6.59 -0.68
C ASN A 98 -28.49 -5.28 -1.20
N PRO A 99 -28.78 -5.18 -2.52
CA PRO A 99 -29.34 -3.93 -3.05
C PRO A 99 -30.68 -3.49 -2.47
N MET A 100 -31.45 -4.43 -1.90
CA MET A 100 -32.76 -4.20 -1.29
C MET A 100 -32.65 -3.52 0.08
N THR A 101 -31.60 -3.85 0.84
CA THR A 101 -31.40 -3.31 2.17
C THR A 101 -30.34 -2.21 2.25
N ASN A 102 -29.53 -2.05 1.18
CA ASN A 102 -28.40 -1.11 1.09
C ASN A 102 -27.38 -1.42 2.21
N GLN A 103 -27.22 -2.70 2.52
CA GLN A 103 -26.32 -3.13 3.59
C GLN A 103 -25.26 -4.13 3.13
N TRP A 104 -24.02 -3.94 3.63
CA TRP A 104 -22.89 -4.86 3.41
C TRP A 104 -22.86 -5.84 4.61
N SER A 105 -22.67 -7.14 4.34
CA SER A 105 -22.56 -8.14 5.38
C SER A 105 -21.30 -8.96 5.16
N PRO A 106 -20.48 -9.20 6.22
CA PRO A 106 -19.28 -10.03 6.03
C PRO A 106 -19.61 -11.49 5.83
N CYS A 107 -18.77 -12.19 5.06
CA CYS A 107 -18.91 -13.62 4.78
C CYS A 107 -17.63 -14.29 5.26
N ALA A 108 -17.55 -15.64 5.13
CA ALA A 108 -16.34 -16.38 5.50
C ALA A 108 -15.17 -15.88 4.64
N PRO A 109 -13.97 -15.64 5.23
CA PRO A 109 -12.85 -15.17 4.40
C PRO A 109 -12.24 -16.34 3.61
N MET A 110 -11.48 -16.03 2.55
CA MET A 110 -10.76 -17.05 1.77
C MET A 110 -9.60 -17.61 2.60
N SER A 111 -9.01 -18.74 2.15
CA SER A 111 -7.89 -19.37 2.85
C SER A 111 -6.67 -18.45 2.93
N VAL A 112 -6.48 -17.61 1.91
CA VAL A 112 -5.33 -16.71 1.78
C VAL A 112 -5.76 -15.33 1.29
N PRO A 113 -4.97 -14.27 1.59
CA PRO A 113 -5.25 -12.96 0.98
C PRO A 113 -4.95 -13.02 -0.51
N ARG A 114 -5.76 -12.33 -1.33
CA ARG A 114 -5.59 -12.33 -2.79
C ARG A 114 -5.80 -10.94 -3.36
N ASN A 115 -4.70 -10.20 -3.54
CA ASN A 115 -4.70 -8.87 -4.16
C ASN A 115 -4.58 -9.11 -5.66
N ARG A 116 -5.23 -8.28 -6.53
CA ARG A 116 -5.17 -8.44 -7.99
C ARG A 116 -5.77 -9.82 -8.39
N ILE A 117 -6.88 -10.16 -7.75
CA ILE A 117 -7.62 -11.40 -7.89
C ILE A 117 -8.45 -11.42 -9.20
N GLY A 118 -8.79 -12.62 -9.65
CA GLY A 118 -9.70 -12.88 -10.75
C GLY A 118 -10.85 -13.68 -10.18
N VAL A 119 -12.09 -13.37 -10.58
CA VAL A 119 -13.28 -14.06 -10.05
C VAL A 119 -14.23 -14.50 -11.19
N GLY A 120 -14.87 -15.67 -10.99
CA GLY A 120 -15.85 -16.23 -11.91
C GLY A 120 -16.93 -16.99 -11.18
N VAL A 121 -18.14 -17.04 -11.75
CA VAL A 121 -19.27 -17.74 -11.13
C VAL A 121 -19.78 -18.91 -11.99
N ILE A 122 -19.90 -20.12 -11.40
CA ILE A 122 -20.48 -21.30 -12.06
C ILE A 122 -21.46 -21.94 -11.08
N ASP A 123 -22.73 -22.15 -11.49
CA ASP A 123 -23.78 -22.77 -10.65
C ASP A 123 -23.95 -22.12 -9.27
N GLY A 124 -23.91 -20.79 -9.24
CA GLY A 124 -24.04 -20.03 -7.99
C GLY A 124 -22.87 -20.17 -7.04
N HIS A 125 -21.71 -20.60 -7.54
CA HIS A 125 -20.50 -20.74 -6.72
C HIS A 125 -19.46 -19.80 -7.22
N ILE A 126 -18.77 -19.12 -6.29
CA ILE A 126 -17.74 -18.13 -6.63
C ILE A 126 -16.37 -18.79 -6.64
N TYR A 127 -15.64 -18.62 -7.74
CA TYR A 127 -14.27 -19.10 -7.88
C TYR A 127 -13.33 -17.91 -7.70
N ALA A 128 -12.42 -17.99 -6.72
CA ALA A 128 -11.39 -16.98 -6.44
C ALA A 128 -10.10 -17.50 -7.06
N VAL A 129 -9.58 -16.77 -8.08
CA VAL A 129 -8.43 -17.20 -8.89
C VAL A 129 -7.15 -16.36 -8.69
N GLY A 130 -6.05 -17.03 -8.37
CA GLY A 130 -4.72 -16.44 -8.23
C GLY A 130 -4.64 -15.26 -7.29
N GLY A 131 -4.00 -14.20 -7.76
CA GLY A 131 -3.79 -12.99 -6.97
C GLY A 131 -2.52 -13.08 -6.13
N SER A 132 -2.19 -12.02 -5.38
CA SER A 132 -0.96 -12.00 -4.57
C SER A 132 -1.18 -11.79 -3.10
N HIS A 133 -0.19 -12.23 -2.29
CA HIS A 133 -0.08 -12.04 -0.85
C HIS A 133 1.40 -11.75 -0.58
N GLY A 134 1.74 -10.46 -0.45
CA GLY A 134 3.12 -10.03 -0.25
C GLY A 134 3.97 -10.46 -1.43
N CYS A 135 4.99 -11.31 -1.18
CA CYS A 135 5.91 -11.85 -2.20
C CYS A 135 5.29 -13.04 -2.96
N ILE A 136 4.23 -13.66 -2.40
CA ILE A 136 3.58 -14.84 -2.98
C ILE A 136 2.66 -14.50 -4.17
N HIS A 137 2.90 -15.15 -5.31
CA HIS A 137 2.10 -15.06 -6.52
C HIS A 137 1.35 -16.39 -6.61
N HIS A 138 0.05 -16.39 -6.27
CA HIS A 138 -0.73 -17.62 -6.20
C HIS A 138 -1.04 -18.28 -7.54
N ASN A 139 -1.02 -19.62 -7.55
CA ASN A 139 -1.56 -20.42 -8.65
C ASN A 139 -2.80 -21.11 -8.09
N SER A 140 -2.99 -21.02 -6.75
CA SER A 140 -4.11 -21.63 -6.02
C SER A 140 -5.45 -21.02 -6.39
N VAL A 141 -6.50 -21.83 -6.34
CA VAL A 141 -7.86 -21.47 -6.72
C VAL A 141 -8.80 -22.05 -5.66
N GLU A 142 -9.75 -21.24 -5.18
CA GLU A 142 -10.73 -21.70 -4.21
C GLU A 142 -12.16 -21.35 -4.62
N ARG A 143 -13.13 -22.11 -4.09
CA ARG A 143 -14.53 -21.97 -4.46
C ARG A 143 -15.42 -21.73 -3.26
N TYR A 144 -16.31 -20.77 -3.37
CA TYR A 144 -17.23 -20.39 -2.29
C TYR A 144 -18.64 -20.88 -2.55
N GLU A 145 -19.25 -21.46 -1.52
CA GLU A 145 -20.64 -21.94 -1.56
C GLU A 145 -21.49 -21.00 -0.69
N PRO A 146 -22.28 -20.07 -1.29
CA PRO A 146 -23.10 -19.14 -0.48
C PRO A 146 -24.08 -19.80 0.49
N GLU A 147 -24.69 -20.93 0.08
CA GLU A 147 -25.65 -21.68 0.91
C GLU A 147 -25.03 -22.30 2.17
N ARG A 148 -23.70 -22.53 2.19
CA ARG A 148 -22.99 -23.09 3.34
C ARG A 148 -22.05 -22.08 4.02
N ASP A 149 -21.77 -20.93 3.36
CA ASP A 149 -20.81 -19.88 3.79
C ASP A 149 -19.43 -20.51 4.03
N GLU A 150 -18.97 -21.29 3.03
CA GLU A 150 -17.70 -22.00 3.08
C GLU A 150 -16.90 -21.86 1.81
N TRP A 151 -15.57 -21.81 1.97
CA TRP A 151 -14.59 -21.80 0.88
C TRP A 151 -13.88 -23.15 0.93
N HIS A 152 -13.55 -23.71 -0.24
CA HIS A 152 -12.80 -24.96 -0.37
C HIS A 152 -11.86 -24.85 -1.54
N LEU A 153 -10.62 -25.32 -1.36
CA LEU A 153 -9.62 -25.28 -2.43
C LEU A 153 -9.97 -26.29 -3.51
N VAL A 154 -9.70 -25.91 -4.77
CA VAL A 154 -9.89 -26.80 -5.91
C VAL A 154 -8.50 -27.00 -6.55
N ALA A 155 -8.41 -27.67 -7.72
CA ALA A 155 -7.11 -27.88 -8.40
C ALA A 155 -6.44 -26.54 -8.71
N PRO A 156 -5.13 -26.39 -8.42
CA PRO A 156 -4.47 -25.11 -8.72
C PRO A 156 -4.21 -24.92 -10.22
N MET A 157 -4.04 -23.68 -10.66
CA MET A 157 -3.71 -23.39 -12.07
C MET A 157 -2.32 -23.93 -12.39
N LEU A 158 -2.01 -24.08 -13.68
CA LEU A 158 -0.71 -24.57 -14.14
C LEU A 158 0.32 -23.45 -14.03
N THR A 159 -0.16 -22.18 -13.98
CA THR A 159 0.66 -20.98 -13.91
C THR A 159 0.23 -20.12 -12.72
N ARG A 160 1.22 -19.49 -12.06
CA ARG A 160 0.98 -18.51 -11.00
C ARG A 160 0.51 -17.27 -11.73
N ARG A 161 -0.64 -16.68 -11.33
CA ARG A 161 -1.18 -15.51 -12.02
C ARG A 161 -1.77 -14.47 -11.07
N ILE A 162 -1.26 -13.25 -11.15
CA ILE A 162 -1.76 -12.08 -10.43
C ILE A 162 -2.16 -11.10 -11.55
N GLY A 163 -3.17 -10.28 -11.32
CA GLY A 163 -3.64 -9.36 -12.36
C GLY A 163 -4.28 -10.16 -13.49
N VAL A 164 -4.83 -11.34 -13.13
CA VAL A 164 -5.46 -12.29 -14.03
C VAL A 164 -6.92 -11.89 -14.38
N GLY A 165 -7.29 -12.09 -15.63
CA GLY A 165 -8.66 -11.88 -16.10
C GLY A 165 -9.38 -13.22 -16.07
N VAL A 166 -10.61 -13.25 -15.56
CA VAL A 166 -11.38 -14.49 -15.45
C VAL A 166 -12.71 -14.40 -16.19
N ALA A 167 -13.05 -15.45 -16.94
CA ALA A 167 -14.31 -15.52 -17.69
C ALA A 167 -14.92 -16.93 -17.62
N VAL A 168 -16.26 -16.98 -17.59
CA VAL A 168 -17.01 -18.24 -17.56
C VAL A 168 -17.65 -18.46 -18.92
N LEU A 169 -17.36 -19.61 -19.57
CA LEU A 169 -17.88 -19.93 -20.89
C LEU A 169 -18.01 -21.46 -21.03
N ASN A 170 -19.22 -21.93 -21.44
CA ASN A 170 -19.55 -23.35 -21.61
C ASN A 170 -19.32 -24.16 -20.34
N ARG A 171 -19.60 -23.51 -19.18
CA ARG A 171 -19.47 -24.06 -17.84
C ARG A 171 -18.01 -24.41 -17.49
N LEU A 172 -17.08 -23.69 -18.15
CA LEU A 172 -15.64 -23.79 -17.96
C LEU A 172 -15.16 -22.42 -17.45
N LEU A 173 -14.10 -22.43 -16.62
CA LEU A 173 -13.52 -21.23 -16.04
C LEU A 173 -12.19 -20.93 -16.72
N TYR A 174 -12.09 -19.82 -17.46
CA TYR A 174 -10.88 -19.42 -18.16
C TYR A 174 -10.11 -18.38 -17.33
N ALA A 175 -8.79 -18.55 -17.22
CA ALA A 175 -7.86 -17.65 -16.52
C ALA A 175 -6.93 -17.13 -17.62
N VAL A 176 -7.00 -15.82 -17.87
CA VAL A 176 -6.34 -15.14 -18.98
C VAL A 176 -5.28 -14.12 -18.54
N GLY A 177 -4.07 -14.25 -19.10
CA GLY A 177 -2.95 -13.35 -18.86
C GLY A 177 -2.51 -13.27 -17.41
N GLY A 178 -2.03 -12.11 -17.02
CA GLY A 178 -1.54 -11.90 -15.67
C GLY A 178 -0.03 -11.79 -15.58
N PHE A 179 0.50 -11.98 -14.35
CA PHE A 179 1.93 -11.89 -14.02
C PHE A 179 2.28 -13.05 -13.07
N ASP A 180 3.32 -13.85 -13.42
CA ASP A 180 3.74 -15.01 -12.62
C ASP A 180 4.74 -14.71 -11.50
N GLY A 181 5.20 -13.47 -11.42
CA GLY A 181 6.20 -13.05 -10.45
C GLY A 181 7.51 -12.68 -11.12
N THR A 182 7.70 -13.14 -12.37
CA THR A 182 8.88 -12.85 -13.17
C THR A 182 8.46 -12.12 -14.45
N ASN A 183 7.51 -12.71 -15.21
CA ASN A 183 7.04 -12.17 -16.47
C ASN A 183 5.55 -11.96 -16.53
N ARG A 184 5.13 -10.99 -17.36
CA ARG A 184 3.73 -10.74 -17.65
C ARG A 184 3.38 -11.73 -18.77
N LEU A 185 2.16 -12.30 -18.73
CA LEU A 185 1.73 -13.38 -19.62
C LEU A 185 0.74 -13.03 -20.71
N ASN A 186 0.86 -13.73 -21.85
CA ASN A 186 -0.08 -13.71 -22.97
C ASN A 186 -0.79 -15.07 -22.97
N SER A 187 -0.32 -15.99 -22.10
CA SER A 187 -0.91 -17.32 -21.97
C SER A 187 -2.28 -17.31 -21.27
N ALA A 188 -3.03 -18.38 -21.50
CA ALA A 188 -4.36 -18.57 -20.95
C ALA A 188 -4.61 -20.03 -20.71
N GLU A 189 -5.39 -20.34 -19.70
CA GLU A 189 -5.75 -21.71 -19.35
C GLU A 189 -7.21 -21.84 -18.99
N CYS A 190 -7.70 -23.07 -18.93
CA CYS A 190 -9.09 -23.38 -18.78
C CYS A 190 -9.30 -24.45 -17.71
N TYR A 191 -10.28 -24.24 -16.83
CA TYR A 191 -10.64 -25.16 -15.75
C TYR A 191 -11.94 -25.93 -16.07
N TYR A 192 -11.91 -27.24 -15.83
CA TYR A 192 -13.00 -28.18 -16.05
C TYR A 192 -13.56 -28.56 -14.67
N PRO A 193 -14.66 -27.92 -14.20
CA PRO A 193 -15.18 -28.23 -12.85
C PRO A 193 -15.55 -29.68 -12.55
N GLU A 194 -16.12 -30.41 -13.54
CA GLU A 194 -16.50 -31.82 -13.37
C GLU A 194 -15.27 -32.72 -13.18
N ARG A 195 -14.21 -32.46 -13.95
CA ARG A 195 -12.97 -33.21 -13.93
C ARG A 195 -11.96 -32.69 -12.89
N ASN A 196 -12.17 -31.43 -12.40
CA ASN A 196 -11.28 -30.73 -11.44
C ASN A 196 -9.85 -30.69 -11.98
N GLU A 197 -9.68 -30.10 -13.17
CA GLU A 197 -8.38 -29.99 -13.80
C GLU A 197 -8.28 -28.79 -14.71
N TRP A 198 -7.05 -28.32 -14.92
CA TRP A 198 -6.71 -27.20 -15.76
C TRP A 198 -5.95 -27.67 -17.00
N ARG A 199 -6.19 -27.00 -18.14
CA ARG A 199 -5.49 -27.25 -19.40
C ARG A 199 -5.17 -25.90 -20.03
N MET A 200 -3.96 -25.76 -20.60
CA MET A 200 -3.55 -24.56 -21.32
C MET A 200 -4.34 -24.47 -22.62
N ILE A 201 -4.66 -23.27 -23.06
CA ILE A 201 -5.38 -23.02 -24.32
C ILE A 201 -4.49 -22.14 -25.21
N THR A 202 -5.01 -21.67 -26.35
CA THR A 202 -4.27 -20.78 -27.25
C THR A 202 -3.94 -19.47 -26.51
N ALA A 203 -2.66 -19.07 -26.59
CA ALA A 203 -2.17 -17.83 -25.99
C ALA A 203 -2.70 -16.66 -26.79
N MET A 204 -2.89 -15.50 -26.13
CA MET A 204 -3.32 -14.26 -26.78
C MET A 204 -2.21 -13.74 -27.71
N ASN A 205 -2.57 -12.77 -28.57
CA ASN A 205 -1.62 -12.09 -29.47
C ASN A 205 -0.75 -11.11 -28.66
N THR A 206 -1.31 -10.54 -27.56
CA THR A 206 -0.63 -9.56 -26.72
C THR A 206 -0.47 -10.04 -25.28
N ILE A 207 0.68 -9.71 -24.68
CA ILE A 207 0.99 -9.94 -23.27
C ILE A 207 0.09 -8.93 -22.52
N ARG A 208 -0.74 -9.41 -21.57
CA ARG A 208 -1.67 -8.53 -20.83
C ARG A 208 -1.77 -8.92 -19.37
N SER A 209 -1.48 -7.97 -18.48
CA SER A 209 -1.66 -8.09 -17.04
C SER A 209 -2.50 -6.87 -16.66
N GLY A 210 -3.52 -7.06 -15.84
CA GLY A 210 -4.40 -5.98 -15.44
C GLY A 210 -5.40 -5.58 -16.51
N ALA A 211 -5.71 -6.52 -17.43
CA ALA A 211 -6.67 -6.34 -18.53
C ALA A 211 -8.10 -6.58 -18.02
N GLY A 212 -9.09 -6.16 -18.80
CA GLY A 212 -10.50 -6.41 -18.52
C GLY A 212 -10.90 -7.65 -19.31
N VAL A 213 -11.34 -8.72 -18.62
CA VAL A 213 -11.73 -9.99 -19.24
C VAL A 213 -13.19 -10.32 -18.98
N CYS A 214 -13.97 -10.54 -20.07
CA CYS A 214 -15.40 -10.87 -19.98
C CYS A 214 -15.84 -11.81 -21.10
N VAL A 215 -17.11 -12.25 -21.04
CA VAL A 215 -17.74 -13.10 -22.03
C VAL A 215 -18.94 -12.37 -22.65
N LEU A 216 -18.98 -12.32 -23.99
CA LEU A 216 -20.06 -11.74 -24.76
C LEU A 216 -20.29 -12.58 -26.03
N HIS A 217 -21.54 -13.03 -26.24
CA HIS A 217 -21.99 -13.81 -27.40
C HIS A 217 -21.05 -14.98 -27.71
N ASN A 218 -20.84 -15.85 -26.70
CA ASN A 218 -20.01 -17.06 -26.80
C ASN A 218 -18.50 -16.82 -27.05
N CYS A 219 -18.01 -15.58 -26.83
CA CYS A 219 -16.61 -15.22 -27.03
C CYS A 219 -16.00 -14.61 -25.77
N ILE A 220 -14.70 -14.82 -25.57
CA ILE A 220 -13.98 -14.20 -24.46
C ILE A 220 -13.31 -12.94 -25.00
N TYR A 221 -13.51 -11.80 -24.31
CA TYR A 221 -12.85 -10.56 -24.72
C TYR A 221 -11.78 -10.18 -23.68
N ALA A 222 -10.60 -9.72 -24.14
CA ALA A 222 -9.50 -9.24 -23.32
C ALA A 222 -9.21 -7.81 -23.76
N ALA A 223 -9.61 -6.83 -22.93
CA ALA A 223 -9.48 -5.40 -23.25
C ALA A 223 -8.44 -4.71 -22.40
N GLY A 224 -7.56 -3.94 -23.04
CA GLY A 224 -6.51 -3.19 -22.35
C GLY A 224 -5.52 -4.01 -21.53
N GLY A 225 -5.04 -3.41 -20.47
CA GLY A 225 -4.04 -4.00 -19.59
C GLY A 225 -2.66 -3.44 -19.85
N TYR A 226 -1.65 -4.08 -19.30
CA TYR A 226 -0.24 -3.67 -19.40
C TYR A 226 0.62 -4.79 -19.99
N ASP A 227 1.41 -4.48 -21.05
CA ASP A 227 2.26 -5.46 -21.77
C ASP A 227 3.70 -5.55 -21.28
N GLY A 228 4.10 -4.64 -20.40
CA GLY A 228 5.45 -4.55 -19.85
C GLY A 228 6.11 -3.23 -20.17
N GLN A 229 5.59 -2.51 -21.19
CA GLN A 229 6.11 -1.22 -21.67
C GLN A 229 5.03 -0.15 -21.75
N ASP A 230 3.78 -0.53 -22.10
CA ASP A 230 2.70 0.43 -22.25
C ASP A 230 1.35 -0.07 -21.79
N GLN A 231 0.47 0.86 -21.35
CA GLN A 231 -0.93 0.57 -21.05
C GLN A 231 -1.58 0.40 -22.43
N LEU A 232 -2.50 -0.55 -22.57
CA LEU A 232 -3.08 -0.87 -23.88
C LEU A 232 -4.48 -0.39 -24.12
N ASN A 233 -4.78 -0.05 -25.39
CA ASN A 233 -6.14 0.27 -25.82
C ASN A 233 -6.66 -0.87 -26.72
N SER A 234 -5.77 -1.82 -27.09
CA SER A 234 -6.12 -2.96 -27.94
C SER A 234 -7.05 -3.93 -27.24
N VAL A 235 -7.98 -4.49 -28.03
CA VAL A 235 -8.98 -5.44 -27.57
C VAL A 235 -8.93 -6.66 -28.48
N GLU A 236 -8.84 -7.85 -27.89
CA GLU A 236 -8.85 -9.10 -28.65
C GLU A 236 -9.93 -10.07 -28.12
N ARG A 237 -10.46 -10.90 -29.04
CA ARG A 237 -11.57 -11.83 -28.80
C ARG A 237 -11.19 -13.28 -29.10
N TYR A 238 -11.47 -14.20 -28.16
CA TYR A 238 -11.22 -15.63 -28.33
C TYR A 238 -12.50 -16.32 -28.83
N ASP A 239 -12.37 -17.10 -29.90
CA ASP A 239 -13.48 -17.89 -30.47
C ASP A 239 -13.16 -19.34 -30.18
N VAL A 240 -14.02 -20.02 -29.41
CA VAL A 240 -13.81 -21.41 -29.00
C VAL A 240 -13.77 -22.43 -30.17
N ALA A 241 -14.63 -22.27 -31.20
CA ALA A 241 -14.72 -23.15 -32.37
C ALA A 241 -13.42 -23.21 -33.17
N THR A 242 -12.82 -22.04 -33.44
CA THR A 242 -11.57 -21.92 -34.19
C THR A 242 -10.32 -21.93 -33.28
N ALA A 243 -10.51 -21.81 -31.94
CA ALA A 243 -9.44 -21.73 -30.92
C ALA A 243 -8.42 -20.62 -31.26
N THR A 244 -8.92 -19.49 -31.75
CA THR A 244 -8.09 -18.35 -32.15
C THR A 244 -8.50 -17.05 -31.44
N TRP A 245 -7.51 -16.16 -31.25
CA TRP A 245 -7.68 -14.82 -30.70
C TRP A 245 -7.59 -13.84 -31.87
N THR A 246 -8.58 -12.96 -32.00
CA THR A 246 -8.66 -11.96 -33.09
C THR A 246 -8.83 -10.56 -32.49
N PHE A 247 -8.09 -9.57 -33.01
CA PHE A 247 -8.23 -8.18 -32.58
C PHE A 247 -9.53 -7.61 -33.12
N VAL A 248 -10.21 -6.81 -32.29
CA VAL A 248 -11.43 -6.11 -32.67
C VAL A 248 -11.09 -4.62 -32.56
N ALA A 249 -12.08 -3.72 -32.65
CA ALA A 249 -11.83 -2.28 -32.55
C ALA A 249 -11.15 -1.94 -31.21
N PRO A 250 -10.08 -1.12 -31.21
CA PRO A 250 -9.44 -0.76 -29.93
C PRO A 250 -10.30 0.25 -29.17
N MET A 251 -10.13 0.36 -27.84
CA MET A 251 -10.85 1.38 -27.04
C MET A 251 -10.26 2.76 -27.39
N LYS A 252 -10.98 3.84 -27.09
CA LYS A 252 -10.48 5.20 -27.31
C LYS A 252 -9.30 5.49 -26.35
N HIS A 253 -9.42 5.03 -25.08
CA HIS A 253 -8.41 5.25 -24.04
C HIS A 253 -7.62 4.01 -23.69
N ARG A 254 -6.29 4.18 -23.58
CA ARG A 254 -5.37 3.14 -23.12
C ARG A 254 -5.68 2.99 -21.63
N ARG A 255 -5.80 1.77 -21.12
CA ARG A 255 -6.12 1.56 -19.71
C ARG A 255 -5.68 0.24 -19.19
N SER A 256 -5.19 0.25 -17.95
CA SER A 256 -4.74 -0.92 -17.22
C SER A 256 -5.45 -0.87 -15.86
N ALA A 257 -5.74 -2.04 -15.25
CA ALA A 257 -6.49 -2.13 -13.98
C ALA A 257 -7.89 -1.46 -14.12
N LEU A 258 -8.51 -1.72 -15.28
CA LEU A 258 -9.85 -1.25 -15.61
C LEU A 258 -10.86 -2.26 -15.06
N GLY A 259 -12.07 -1.80 -14.81
CA GLY A 259 -13.19 -2.66 -14.44
C GLY A 259 -13.92 -3.00 -15.73
N ILE A 260 -14.55 -4.17 -15.78
CA ILE A 260 -15.27 -4.63 -16.97
C ILE A 260 -16.54 -5.40 -16.62
N THR A 261 -17.57 -5.25 -17.46
CA THR A 261 -18.82 -5.98 -17.36
C THR A 261 -19.57 -6.02 -18.70
N VAL A 262 -20.63 -6.81 -18.76
CA VAL A 262 -21.51 -6.97 -19.92
C VAL A 262 -22.93 -6.64 -19.46
N HIS A 263 -23.61 -5.75 -20.18
CA HIS A 263 -24.97 -5.34 -19.88
C HIS A 263 -25.72 -5.19 -21.19
N GLN A 264 -26.83 -5.95 -21.35
CA GLN A 264 -27.70 -5.97 -22.54
C GLN A 264 -26.94 -6.08 -23.87
N GLY A 265 -26.11 -7.11 -23.98
CA GLY A 265 -25.33 -7.40 -25.18
C GLY A 265 -24.21 -6.44 -25.51
N ARG A 266 -23.78 -5.59 -24.56
CA ARG A 266 -22.68 -4.65 -24.79
C ARG A 266 -21.64 -4.74 -23.66
N ILE A 267 -20.37 -4.46 -23.97
CA ILE A 267 -19.27 -4.48 -23.00
C ILE A 267 -19.09 -3.06 -22.46
N TYR A 268 -18.94 -2.95 -21.14
CA TYR A 268 -18.67 -1.67 -20.48
C TYR A 268 -17.31 -1.75 -19.78
N VAL A 269 -16.41 -0.80 -20.06
CA VAL A 269 -15.10 -0.69 -19.41
C VAL A 269 -15.11 0.57 -18.51
N LEU A 270 -14.72 0.42 -17.23
CA LEU A 270 -14.76 1.50 -16.24
C LEU A 270 -13.38 1.84 -15.67
N GLY A 271 -13.00 3.11 -15.84
CA GLY A 271 -11.76 3.67 -15.33
C GLY A 271 -10.48 2.97 -15.72
N GLY A 272 -9.56 2.90 -14.76
CA GLY A 272 -8.24 2.32 -14.97
C GLY A 272 -7.16 3.39 -14.95
N TYR A 273 -5.93 2.99 -15.22
CA TYR A 273 -4.79 3.87 -15.25
C TYR A 273 -4.21 3.92 -16.67
N ASP A 274 -4.00 5.13 -17.22
CA ASP A 274 -3.48 5.25 -18.60
C ASP A 274 -1.98 5.55 -18.69
N GLY A 275 -1.29 5.59 -17.54
CA GLY A 275 0.12 5.93 -17.47
C GLY A 275 0.36 7.35 -16.99
N HIS A 276 -0.72 8.15 -16.85
CA HIS A 276 -0.65 9.54 -16.41
C HIS A 276 -1.80 9.90 -15.48
N THR A 277 -3.01 9.46 -15.82
CA THR A 277 -4.25 9.78 -15.13
C THR A 277 -5.02 8.52 -14.66
N PHE A 278 -5.82 8.70 -13.61
CA PHE A 278 -6.75 7.71 -13.09
C PHE A 278 -8.06 8.08 -13.74
N LEU A 279 -8.45 7.30 -14.76
CA LEU A 279 -9.62 7.56 -15.60
C LEU A 279 -10.96 7.49 -14.90
N ASP A 280 -11.86 8.41 -15.28
CA ASP A 280 -13.26 8.42 -14.85
C ASP A 280 -14.12 7.94 -16.04
N SER A 281 -13.49 7.79 -17.22
CA SER A 281 -14.09 7.39 -18.49
C SER A 281 -14.70 5.99 -18.46
N VAL A 282 -15.93 5.88 -19.01
CA VAL A 282 -16.67 4.63 -19.16
C VAL A 282 -16.95 4.48 -20.65
N GLU A 283 -16.34 3.47 -21.28
CA GLU A 283 -16.53 3.18 -22.70
C GLU A 283 -17.44 1.98 -22.88
N CYS A 284 -18.23 1.99 -23.97
CA CYS A 284 -19.17 0.94 -24.31
C CYS A 284 -18.88 0.36 -25.69
N TYR A 285 -18.78 -0.97 -25.78
CA TYR A 285 -18.51 -1.67 -27.05
C TYR A 285 -19.79 -2.32 -27.58
N ASP A 286 -20.12 -2.02 -28.85
CA ASP A 286 -21.25 -2.60 -29.55
C ASP A 286 -20.70 -3.66 -30.49
N PRO A 287 -20.97 -4.96 -30.26
CA PRO A 287 -20.42 -6.01 -31.16
C PRO A 287 -20.99 -6.01 -32.57
N ASP A 288 -22.23 -5.49 -32.76
CA ASP A 288 -22.90 -5.41 -34.08
C ASP A 288 -22.20 -4.45 -35.03
N THR A 289 -21.73 -3.30 -34.51
CA THR A 289 -21.05 -2.27 -35.30
C THR A 289 -19.52 -2.28 -35.14
N ASP A 290 -18.98 -3.08 -34.18
CA ASP A 290 -17.55 -3.15 -33.84
C ASP A 290 -17.03 -1.73 -33.51
N THR A 291 -17.74 -1.03 -32.62
CA THR A 291 -17.40 0.34 -32.25
C THR A 291 -17.48 0.57 -30.74
N TRP A 292 -16.56 1.42 -30.24
CA TRP A 292 -16.52 1.85 -28.85
C TRP A 292 -17.01 3.29 -28.80
N SER A 293 -17.80 3.62 -27.77
CA SER A 293 -18.29 4.99 -27.54
C SER A 293 -18.22 5.33 -26.05
N GLU A 294 -17.98 6.62 -25.73
CA GLU A 294 -17.97 7.06 -24.34
C GLU A 294 -19.43 7.29 -23.92
N VAL A 295 -19.87 6.59 -22.88
CA VAL A 295 -21.27 6.65 -22.42
C VAL A 295 -21.53 7.51 -21.21
N THR A 296 -20.56 7.56 -20.29
CA THR A 296 -20.65 8.31 -19.05
C THR A 296 -19.26 8.45 -18.44
N ARG A 297 -19.22 9.13 -17.31
CA ARG A 297 -18.02 9.29 -16.52
C ARG A 297 -18.38 8.89 -15.12
N MET A 298 -17.44 8.25 -14.42
CA MET A 298 -17.64 7.91 -13.00
C MET A 298 -17.59 9.25 -12.25
N THR A 299 -18.11 9.30 -11.00
CA THR A 299 -18.10 10.53 -10.18
C THR A 299 -16.69 11.07 -9.93
N SER A 300 -15.67 10.19 -10.00
CA SER A 300 -14.25 10.51 -9.85
C SER A 300 -13.40 9.40 -10.48
N GLY A 301 -12.23 9.77 -10.99
CA GLY A 301 -11.28 8.85 -11.58
C GLY A 301 -10.73 7.84 -10.59
N ARG A 302 -10.53 6.59 -11.04
CA ARG A 302 -10.03 5.49 -10.20
C ARG A 302 -9.62 4.29 -11.04
N SER A 303 -8.75 3.44 -10.48
CA SER A 303 -8.31 2.17 -11.09
C SER A 303 -8.53 1.07 -10.07
N GLY A 304 -8.41 -0.18 -10.49
CA GLY A 304 -8.52 -1.36 -9.63
C GLY A 304 -9.86 -1.59 -8.96
N VAL A 305 -10.96 -1.22 -9.63
CA VAL A 305 -12.33 -1.42 -9.13
C VAL A 305 -12.82 -2.86 -9.34
N GLY A 306 -13.82 -3.24 -8.57
CA GLY A 306 -14.56 -4.49 -8.70
C GLY A 306 -15.89 -4.12 -9.35
N VAL A 307 -16.31 -4.86 -10.40
CA VAL A 307 -17.53 -4.56 -11.17
C VAL A 307 -18.45 -5.78 -11.31
N ALA A 308 -19.78 -5.57 -11.25
CA ALA A 308 -20.82 -6.59 -11.47
C ALA A 308 -22.18 -5.94 -11.83
N VAL A 309 -23.09 -6.73 -12.42
CA VAL A 309 -24.41 -6.29 -12.87
C VAL A 309 -25.53 -7.09 -12.17
N THR A 310 -26.51 -6.38 -11.59
CA THR A 310 -27.71 -6.95 -10.96
C THR A 310 -28.91 -6.00 -10.99
N GLY B 26 22.76 27.72 19.95
CA GLY B 26 21.36 27.60 19.54
C GLY B 26 21.13 26.51 18.52
N ARG B 27 20.81 25.30 19.00
CA ARG B 27 20.56 24.13 18.14
C ARG B 27 19.22 24.24 17.41
N LEU B 28 19.16 23.71 16.18
CA LEU B 28 17.94 23.74 15.37
C LEU B 28 17.33 22.37 15.15
N ILE B 29 16.01 22.32 14.94
CA ILE B 29 15.28 21.10 14.61
C ILE B 29 15.21 21.04 13.08
N TYR B 30 15.94 20.07 12.48
CA TYR B 30 15.97 19.86 11.03
C TYR B 30 14.92 18.83 10.60
N THR B 31 14.17 19.13 9.53
CA THR B 31 13.18 18.23 8.93
C THR B 31 13.57 18.01 7.47
N ALA B 32 13.83 16.75 7.08
CA ALA B 32 14.22 16.38 5.73
C ALA B 32 13.18 15.48 5.07
N GLY B 33 12.91 15.75 3.78
CA GLY B 33 11.97 14.99 2.97
C GLY B 33 10.54 15.05 3.46
N GLY B 34 9.86 13.93 3.27
CA GLY B 34 8.46 13.83 3.65
C GLY B 34 7.56 13.56 2.46
N TYR B 35 6.25 13.56 2.70
CA TYR B 35 5.27 13.25 1.67
C TYR B 35 4.01 14.10 1.74
N PHE B 36 3.58 14.57 0.57
CA PHE B 36 2.32 15.24 0.31
C PHE B 36 2.07 15.07 -1.18
N ARG B 37 1.19 14.13 -1.56
CA ARG B 37 0.87 13.73 -2.95
C ARG B 37 2.01 12.93 -3.58
N GLN B 38 3.27 13.31 -3.30
CA GLN B 38 4.49 12.63 -3.75
C GLN B 38 5.62 12.89 -2.72
N SER B 39 6.74 12.13 -2.82
CA SER B 39 7.89 12.34 -1.94
C SER B 39 8.51 13.73 -2.17
N LEU B 40 8.93 14.39 -1.08
CA LEU B 40 9.46 15.75 -1.09
C LEU B 40 10.97 15.82 -0.93
N SER B 41 11.55 16.99 -1.34
CA SER B 41 12.98 17.27 -1.31
C SER B 41 13.36 18.32 -0.26
N TYR B 42 12.36 18.83 0.48
CA TYR B 42 12.59 19.89 1.47
C TYR B 42 13.55 19.55 2.60
N LEU B 43 14.39 20.53 2.93
CA LEU B 43 15.23 20.54 4.11
C LEU B 43 14.98 21.87 4.75
N GLU B 44 14.31 21.84 5.90
CA GLU B 44 13.98 23.04 6.66
C GLU B 44 14.41 22.89 8.11
N ALA B 45 14.78 24.00 8.75
CA ALA B 45 15.23 24.00 10.15
C ALA B 45 14.43 25.00 10.99
N TYR B 46 13.91 24.53 12.13
CA TYR B 46 13.11 25.32 13.05
C TYR B 46 13.94 25.71 14.27
N ASN B 47 13.85 26.98 14.66
CA ASN B 47 14.52 27.51 15.85
C ASN B 47 13.46 27.69 16.93
N PRO B 48 13.41 26.80 17.95
CA PRO B 48 12.39 26.94 19.00
C PRO B 48 12.48 28.22 19.83
N SER B 49 13.66 28.89 19.84
CA SER B 49 13.88 30.15 20.58
C SER B 49 13.09 31.34 20.00
N ASP B 50 13.21 31.58 18.67
CA ASP B 50 12.54 32.69 18.00
C ASP B 50 11.35 32.32 17.10
N GLY B 51 11.08 31.02 16.97
CA GLY B 51 9.98 30.48 16.17
C GLY B 51 10.13 30.63 14.67
N THR B 52 11.38 30.79 14.18
CA THR B 52 11.65 30.97 12.75
C THR B 52 11.99 29.66 12.03
N TRP B 53 11.69 29.60 10.71
CA TRP B 53 12.00 28.48 9.84
C TRP B 53 13.01 28.91 8.78
N LEU B 54 14.05 28.11 8.57
CA LEU B 54 15.10 28.32 7.59
C LEU B 54 14.86 27.37 6.42
N ARG B 55 14.96 27.88 5.17
CA ARG B 55 14.82 27.05 3.97
C ARG B 55 16.23 26.71 3.51
N LEU B 56 16.61 25.44 3.64
CA LEU B 56 17.96 24.99 3.30
C LEU B 56 18.03 24.25 1.99
N ALA B 57 19.23 23.82 1.60
CA ALA B 57 19.43 23.10 0.34
C ALA B 57 18.57 21.86 0.27
N ASP B 58 17.87 21.70 -0.84
CA ASP B 58 17.00 20.56 -1.13
C ASP B 58 17.81 19.27 -1.16
N LEU B 59 17.16 18.12 -0.80
CA LEU B 59 17.77 16.80 -0.96
C LEU B 59 18.03 16.63 -2.47
N GLN B 60 19.06 15.87 -2.86
CA GLN B 60 19.33 15.64 -4.28
C GLN B 60 18.23 14.78 -4.93
N VAL B 61 17.67 13.82 -4.16
CA VAL B 61 16.60 12.91 -4.60
C VAL B 61 15.41 13.03 -3.61
N PRO B 62 14.13 13.14 -4.07
CA PRO B 62 13.00 13.17 -3.11
C PRO B 62 12.99 11.93 -2.21
N ARG B 63 12.58 12.10 -0.93
CA ARG B 63 12.56 11.04 0.09
C ARG B 63 11.40 11.16 1.06
N SER B 64 10.70 10.06 1.32
CA SER B 64 9.65 9.90 2.34
C SER B 64 9.93 8.54 3.00
N GLY B 65 9.52 8.33 4.25
CA GLY B 65 9.76 7.07 4.95
C GLY B 65 11.20 6.85 5.41
N LEU B 66 12.01 7.93 5.36
CA LEU B 66 13.42 7.98 5.75
C LEU B 66 13.54 8.31 7.23
N ALA B 67 14.76 8.22 7.75
CA ALA B 67 15.05 8.64 9.13
C ALA B 67 16.22 9.60 9.10
N GLY B 68 16.24 10.51 10.07
CA GLY B 68 17.32 11.49 10.22
C GLY B 68 18.09 11.26 11.50
N CYS B 69 19.38 11.66 11.50
CA CYS B 69 20.25 11.57 12.67
C CYS B 69 21.44 12.52 12.52
N VAL B 70 22.13 12.78 13.63
CA VAL B 70 23.30 13.66 13.63
C VAL B 70 24.51 12.94 14.22
N VAL B 71 25.67 13.07 13.55
CA VAL B 71 26.97 12.56 13.99
C VAL B 71 28.00 13.68 13.72
N GLY B 72 28.62 14.18 14.80
CA GLY B 72 29.67 15.20 14.73
C GLY B 72 29.27 16.48 14.01
N GLY B 73 28.07 16.98 14.32
CA GLY B 73 27.49 18.19 13.73
C GLY B 73 26.96 18.07 12.32
N LEU B 74 27.08 16.89 11.70
CA LEU B 74 26.62 16.62 10.35
C LEU B 74 25.28 15.84 10.38
N LEU B 75 24.32 16.27 9.55
CA LEU B 75 23.00 15.65 9.46
C LEU B 75 23.00 14.53 8.41
N TYR B 76 22.40 13.38 8.75
CA TYR B 76 22.31 12.26 7.81
C TYR B 76 20.85 11.93 7.50
N ALA B 77 20.56 11.64 6.21
CA ALA B 77 19.23 11.24 5.71
C ALA B 77 19.43 9.78 5.29
N VAL B 78 18.72 8.85 5.95
CA VAL B 78 18.90 7.39 5.75
C VAL B 78 17.66 6.71 5.19
N GLY B 79 17.85 5.90 4.13
CA GLY B 79 16.82 5.12 3.47
C GLY B 79 15.60 5.87 3.01
N GLY B 80 14.45 5.22 3.15
CA GLY B 80 13.19 5.78 2.71
C GLY B 80 12.85 5.29 1.31
N ARG B 81 12.19 6.16 0.53
CA ARG B 81 11.76 5.82 -0.83
C ARG B 81 11.47 7.10 -1.61
N ASN B 82 11.37 6.99 -2.96
CA ASN B 82 10.88 8.09 -3.77
C ASN B 82 9.53 7.62 -4.30
N ASN B 83 8.45 8.08 -3.64
CA ASN B 83 7.07 7.75 -4.01
C ASN B 83 6.58 8.89 -4.88
N SER B 84 6.81 8.79 -6.21
CA SER B 84 6.49 9.83 -7.22
C SER B 84 5.41 9.41 -8.24
N PRO B 85 4.90 10.36 -9.10
CA PRO B 85 3.91 9.96 -10.14
C PRO B 85 4.50 9.04 -11.22
N ASP B 86 5.85 9.03 -11.35
CA ASP B 86 6.58 8.20 -12.32
C ASP B 86 6.96 6.83 -11.75
N GLY B 87 6.55 6.55 -10.51
CA GLY B 87 6.82 5.27 -9.85
C GLY B 87 7.29 5.37 -8.41
N ASN B 88 7.37 4.21 -7.74
CA ASN B 88 7.81 4.07 -6.35
C ASN B 88 9.13 3.30 -6.30
N THR B 89 10.20 3.94 -5.79
CA THR B 89 11.53 3.33 -5.69
C THR B 89 12.08 3.46 -4.27
N ASP B 90 12.24 2.31 -3.59
CA ASP B 90 12.81 2.23 -2.24
C ASP B 90 14.28 2.59 -2.27
N SER B 91 14.74 3.35 -1.26
CA SER B 91 16.11 3.86 -1.18
C SER B 91 17.02 3.14 -0.19
N SER B 92 18.25 2.84 -0.63
CA SER B 92 19.34 2.26 0.18
C SER B 92 20.36 3.38 0.48
N ALA B 93 20.03 4.60 0.07
CA ALA B 93 20.91 5.76 0.16
C ALA B 93 21.14 6.33 1.55
N LEU B 94 22.34 6.88 1.73
CA LEU B 94 22.79 7.63 2.89
C LEU B 94 23.36 8.96 2.36
N ASP B 95 22.79 10.08 2.79
CA ASP B 95 23.24 11.41 2.38
C ASP B 95 23.56 12.25 3.59
N CYS B 96 24.64 13.02 3.49
CA CYS B 96 25.16 13.83 4.56
C CYS B 96 25.05 15.33 4.27
N TYR B 97 24.39 16.07 5.17
CA TYR B 97 24.25 17.50 5.05
C TYR B 97 25.16 18.23 6.06
N ASN B 98 25.93 19.20 5.55
CA ASN B 98 26.80 20.01 6.39
C ASN B 98 26.16 21.39 6.57
N PRO B 99 25.66 21.71 7.80
CA PRO B 99 25.02 23.03 8.00
C PRO B 99 25.89 24.26 7.73
N MET B 100 27.23 24.10 7.77
CA MET B 100 28.20 25.17 7.54
C MET B 100 28.35 25.51 6.07
N THR B 101 28.21 24.51 5.19
CA THR B 101 28.39 24.69 3.76
C THR B 101 27.06 24.72 2.98
N ASN B 102 25.94 24.32 3.63
CA ASN B 102 24.60 24.19 3.05
C ASN B 102 24.63 23.21 1.86
N GLN B 103 25.46 22.17 1.98
CA GLN B 103 25.63 21.19 0.91
C GLN B 103 25.35 19.75 1.35
N TRP B 104 24.65 18.99 0.49
CA TRP B 104 24.39 17.56 0.64
C TRP B 104 25.50 16.80 -0.09
N SER B 105 26.05 15.75 0.54
CA SER B 105 27.08 14.91 -0.05
C SER B 105 26.65 13.44 0.05
N PRO B 106 26.76 12.65 -1.03
CA PRO B 106 26.41 11.23 -0.93
C PRO B 106 27.45 10.43 -0.13
N CYS B 107 26.99 9.39 0.55
CA CYS B 107 27.82 8.48 1.32
C CYS B 107 27.64 7.08 0.76
N ALA B 108 28.34 6.07 1.32
CA ALA B 108 28.19 4.69 0.89
C ALA B 108 26.74 4.24 1.12
N PRO B 109 26.09 3.54 0.17
CA PRO B 109 24.71 3.12 0.41
C PRO B 109 24.66 1.89 1.33
N MET B 110 23.49 1.62 1.93
CA MET B 110 23.27 0.44 2.77
C MET B 110 23.25 -0.82 1.89
N SER B 111 23.36 -2.02 2.49
CA SER B 111 23.34 -3.29 1.75
C SER B 111 22.02 -3.49 1.00
N VAL B 112 20.91 -2.97 1.56
CA VAL B 112 19.57 -3.12 0.99
C VAL B 112 18.77 -1.83 1.09
N PRO B 113 17.75 -1.63 0.22
CA PRO B 113 16.86 -0.47 0.40
C PRO B 113 16.01 -0.68 1.66
N ARG B 114 15.75 0.41 2.41
CA ARG B 114 14.98 0.34 3.65
C ARG B 114 13.98 1.49 3.75
N ASN B 115 12.72 1.23 3.35
CA ASN B 115 11.63 2.19 3.46
C ASN B 115 11.01 1.99 4.84
N ARG B 116 10.54 3.08 5.49
CA ARG B 116 9.95 3.05 6.83
C ARG B 116 11.00 2.50 7.83
N ILE B 117 12.22 3.00 7.67
CA ILE B 117 13.41 2.64 8.46
C ILE B 117 13.35 3.26 9.86
N GLY B 118 14.09 2.65 10.78
CA GLY B 118 14.34 3.16 12.12
C GLY B 118 15.83 3.37 12.24
N VAL B 119 16.25 4.48 12.87
CA VAL B 119 17.67 4.81 12.99
C VAL B 119 18.04 5.22 14.43
N GLY B 120 19.25 4.82 14.86
CA GLY B 120 19.81 5.15 16.17
C GLY B 120 21.31 5.36 16.09
N VAL B 121 21.86 6.20 16.99
CA VAL B 121 23.30 6.48 17.01
C VAL B 121 23.94 6.05 18.35
N ILE B 122 25.04 5.26 18.30
CA ILE B 122 25.84 4.85 19.47
C ILE B 122 27.30 5.04 19.10
N ASP B 123 28.06 5.82 19.91
CA ASP B 123 29.50 6.08 19.70
C ASP B 123 29.85 6.60 18.30
N GLY B 124 29.03 7.53 17.78
CA GLY B 124 29.24 8.07 16.45
C GLY B 124 28.99 7.10 15.31
N HIS B 125 28.28 5.97 15.59
CA HIS B 125 27.94 4.97 14.58
C HIS B 125 26.44 4.93 14.33
N ILE B 126 26.04 4.93 13.06
CA ILE B 126 24.61 4.94 12.69
C ILE B 126 24.12 3.51 12.52
N TYR B 127 23.05 3.15 13.24
CA TYR B 127 22.40 1.86 13.10
C TYR B 127 21.15 2.04 12.25
N ALA B 128 21.05 1.28 11.15
CA ALA B 128 19.90 1.27 10.23
C ALA B 128 19.08 0.01 10.57
N VAL B 129 17.86 0.20 11.06
CA VAL B 129 17.00 -0.88 11.58
C VAL B 129 15.76 -1.19 10.73
N GLY B 130 15.62 -2.45 10.35
CA GLY B 130 14.46 -2.97 9.62
C GLY B 130 14.11 -2.23 8.35
N GLY B 131 12.83 -1.90 8.22
CA GLY B 131 12.31 -1.21 7.04
C GLY B 131 11.95 -2.20 5.94
N SER B 132 11.46 -1.70 4.80
CA SER B 132 11.08 -2.59 3.71
C SER B 132 11.71 -2.29 2.38
N HIS B 133 11.72 -3.32 1.53
CA HIS B 133 12.15 -3.29 0.15
C HIS B 133 11.09 -4.08 -0.63
N GLY B 134 10.15 -3.35 -1.20
CA GLY B 134 9.02 -3.91 -1.92
C GLY B 134 8.16 -4.70 -0.97
N CYS B 135 8.09 -6.03 -1.22
CA CYS B 135 7.35 -6.97 -0.40
C CYS B 135 8.19 -7.55 0.78
N ILE B 136 9.51 -7.30 0.80
CA ILE B 136 10.41 -7.76 1.87
C ILE B 136 10.31 -6.86 3.12
N HIS B 137 10.05 -7.48 4.27
CA HIS B 137 9.95 -6.85 5.57
C HIS B 137 11.22 -7.27 6.32
N HIS B 138 12.22 -6.36 6.41
CA HIS B 138 13.51 -6.69 7.02
C HIS B 138 13.50 -6.89 8.53
N ASN B 139 14.31 -7.84 9.00
CA ASN B 139 14.64 -8.00 10.41
C ASN B 139 16.14 -7.64 10.53
N SER B 140 16.82 -7.51 9.37
CA SER B 140 18.24 -7.19 9.27
C SER B 140 18.55 -5.79 9.80
N VAL B 141 19.76 -5.63 10.35
CA VAL B 141 20.24 -4.39 10.98
C VAL B 141 21.68 -4.19 10.52
N GLU B 142 22.02 -2.97 10.10
CA GLU B 142 23.38 -2.63 9.68
C GLU B 142 23.92 -1.37 10.36
N ARG B 143 25.24 -1.31 10.55
CA ARG B 143 25.92 -0.22 11.24
C ARG B 143 26.88 0.55 10.31
N TYR B 144 26.80 1.90 10.31
CA TYR B 144 27.65 2.77 9.48
C TYR B 144 28.75 3.44 10.31
N GLU B 145 29.98 3.43 9.76
CA GLU B 145 31.13 4.07 10.38
C GLU B 145 31.51 5.31 9.54
N PRO B 146 31.15 6.54 9.98
CA PRO B 146 31.48 7.74 9.17
C PRO B 146 32.95 7.93 8.83
N GLU B 147 33.86 7.59 9.76
CA GLU B 147 35.30 7.72 9.57
C GLU B 147 35.88 6.79 8.50
N ARG B 148 35.17 5.70 8.17
CA ARG B 148 35.59 4.74 7.13
C ARG B 148 34.69 4.74 5.90
N ASP B 149 33.50 5.38 5.99
CA ASP B 149 32.44 5.42 4.96
C ASP B 149 32.04 3.98 4.56
N GLU B 150 31.77 3.15 5.59
CA GLU B 150 31.41 1.75 5.41
C GLU B 150 30.22 1.33 6.25
N TRP B 151 29.41 0.43 5.70
CA TRP B 151 28.27 -0.20 6.36
C TRP B 151 28.66 -1.66 6.60
N HIS B 152 28.26 -2.23 7.73
CA HIS B 152 28.48 -3.65 8.07
C HIS B 152 27.25 -4.19 8.76
N LEU B 153 26.84 -5.41 8.40
CA LEU B 153 25.67 -6.03 9.03
C LEU B 153 26.01 -6.46 10.44
N VAL B 154 25.04 -6.32 11.34
CA VAL B 154 25.18 -6.77 12.73
C VAL B 154 24.11 -7.86 12.95
N ALA B 155 23.93 -8.37 14.19
CA ALA B 155 22.92 -9.39 14.48
C ALA B 155 21.52 -8.92 14.09
N PRO B 156 20.72 -9.74 13.37
CA PRO B 156 19.36 -9.28 12.99
C PRO B 156 18.41 -9.27 14.18
N MET B 157 17.33 -8.48 14.10
CA MET B 157 16.29 -8.45 15.14
C MET B 157 15.58 -9.80 15.19
N LEU B 158 14.90 -10.07 16.30
CA LEU B 158 14.13 -11.32 16.48
C LEU B 158 12.83 -11.25 15.68
N THR B 159 12.39 -10.04 15.34
CA THR B 159 11.16 -9.75 14.60
C THR B 159 11.44 -8.87 13.38
N ARG B 160 10.72 -9.14 12.28
CA ARG B 160 10.74 -8.33 11.07
C ARG B 160 9.94 -7.09 11.42
N ARG B 161 10.52 -5.89 11.20
CA ARG B 161 9.84 -4.65 11.58
C ARG B 161 10.03 -3.53 10.55
N ILE B 162 8.90 -3.02 10.03
CA ILE B 162 8.85 -1.86 9.12
C ILE B 162 8.01 -0.84 9.87
N GLY B 163 8.31 0.45 9.70
CA GLY B 163 7.60 1.49 10.45
C GLY B 163 7.95 1.40 11.92
N VAL B 164 9.17 0.91 12.19
CA VAL B 164 9.74 0.71 13.52
C VAL B 164 10.26 2.03 14.12
N GLY B 165 10.06 2.20 15.42
CA GLY B 165 10.59 3.33 16.16
C GLY B 165 11.89 2.90 16.83
N VAL B 166 12.93 3.74 16.77
CA VAL B 166 14.23 3.37 17.34
C VAL B 166 14.70 4.42 18.37
N ALA B 167 15.20 3.94 19.52
CA ALA B 167 15.69 4.81 20.59
C ALA B 167 16.97 4.25 21.21
N VAL B 168 17.89 5.14 21.58
CA VAL B 168 19.16 4.78 22.22
C VAL B 168 19.06 5.15 23.71
N LEU B 169 19.29 4.15 24.60
CA LEU B 169 19.21 4.34 26.05
C LEU B 169 20.17 3.37 26.73
N ASN B 170 21.03 3.89 27.64
CA ASN B 170 22.03 3.13 28.38
C ASN B 170 22.96 2.35 27.47
N ARG B 171 23.29 2.96 26.31
CA ARG B 171 24.17 2.41 25.26
C ARG B 171 23.60 1.15 24.63
N LEU B 172 22.27 1.02 24.69
CA LEU B 172 21.48 -0.08 24.10
C LEU B 172 20.58 0.53 23.02
N LEU B 173 20.27 -0.25 22.00
CA LEU B 173 19.42 0.17 20.89
C LEU B 173 18.08 -0.56 20.97
N TYR B 174 17.00 0.19 21.23
CA TYR B 174 15.66 -0.35 21.33
C TYR B 174 14.92 -0.18 20.00
N ALA B 175 14.23 -1.24 19.55
CA ALA B 175 13.41 -1.29 18.33
C ALA B 175 11.99 -1.54 18.83
N VAL B 176 11.12 -0.54 18.62
CA VAL B 176 9.77 -0.49 19.16
C VAL B 176 8.66 -0.52 18.09
N GLY B 177 7.72 -1.44 18.26
CA GLY B 177 6.56 -1.60 17.38
C GLY B 177 6.90 -1.92 15.94
N GLY B 178 6.06 -1.45 15.04
CA GLY B 178 6.24 -1.68 13.61
C GLY B 178 5.20 -2.63 13.03
N PHE B 179 5.53 -3.20 11.88
CA PHE B 179 4.70 -4.14 11.13
C PHE B 179 5.61 -5.26 10.60
N ASP B 180 5.27 -6.53 10.89
CA ASP B 180 6.07 -7.70 10.48
C ASP B 180 5.73 -8.25 9.08
N GLY B 181 4.70 -7.71 8.44
CA GLY B 181 4.23 -8.16 7.14
C GLY B 181 2.84 -8.76 7.24
N THR B 182 2.43 -9.14 8.47
CA THR B 182 1.12 -9.73 8.76
C THR B 182 0.39 -8.85 9.76
N ASN B 183 1.03 -8.55 10.91
CA ASN B 183 0.44 -7.76 11.97
C ASN B 183 1.26 -6.55 12.36
N ARG B 184 0.55 -5.50 12.83
CA ARG B 184 1.12 -4.31 13.41
C ARG B 184 1.48 -4.72 14.83
N LEU B 185 2.62 -4.22 15.34
CA LEU B 185 3.18 -4.70 16.60
C LEU B 185 3.12 -3.79 17.81
N ASN B 186 2.94 -4.41 18.99
CA ASN B 186 3.02 -3.73 20.27
C ASN B 186 4.32 -4.20 20.96
N SER B 187 4.97 -5.22 20.36
CA SER B 187 6.22 -5.75 20.90
C SER B 187 7.41 -4.79 20.71
N ALA B 188 8.45 -5.01 21.53
CA ALA B 188 9.68 -4.23 21.50
C ALA B 188 10.83 -5.11 21.89
N GLU B 189 12.01 -4.80 21.33
CA GLU B 189 13.23 -5.55 21.62
C GLU B 189 14.42 -4.62 21.80
N CYS B 190 15.50 -5.16 22.33
CA CYS B 190 16.66 -4.40 22.72
C CYS B 190 17.95 -5.05 22.21
N TYR B 191 18.86 -4.22 21.65
CA TYR B 191 20.15 -4.67 21.13
C TYR B 191 21.30 -4.28 22.06
N TYR B 192 22.20 -5.25 22.30
CA TYR B 192 23.39 -5.13 23.16
C TYR B 192 24.60 -5.06 22.23
N PRO B 193 25.13 -3.85 21.92
CA PRO B 193 26.27 -3.75 20.98
C PRO B 193 27.53 -4.53 21.35
N GLU B 194 27.89 -4.60 22.65
CA GLU B 194 29.09 -5.34 23.10
C GLU B 194 28.94 -6.85 22.90
N ARG B 195 27.74 -7.38 23.16
CA ARG B 195 27.42 -8.80 23.02
C ARG B 195 26.94 -9.17 21.61
N ASN B 196 26.50 -8.17 20.79
CA ASN B 196 25.95 -8.33 19.45
C ASN B 196 24.75 -9.29 19.47
N GLU B 197 23.75 -8.95 20.28
CA GLU B 197 22.55 -9.77 20.42
C GLU B 197 21.34 -8.95 20.78
N TRP B 198 20.17 -9.47 20.42
CA TRP B 198 18.87 -8.87 20.67
C TRP B 198 18.10 -9.70 21.70
N ARG B 199 17.32 -9.03 22.55
CA ARG B 199 16.45 -9.64 23.54
C ARG B 199 15.13 -8.89 23.53
N MET B 200 14.01 -9.61 23.63
CA MET B 200 12.67 -9.03 23.71
C MET B 200 12.53 -8.36 25.08
N ILE B 201 11.78 -7.26 25.13
CA ILE B 201 11.49 -6.54 26.36
C ILE B 201 9.97 -6.52 26.56
N THR B 202 9.48 -5.78 27.55
CA THR B 202 8.04 -5.64 27.82
C THR B 202 7.37 -4.98 26.61
N ALA B 203 6.27 -5.59 26.14
CA ALA B 203 5.47 -5.08 25.04
C ALA B 203 4.72 -3.83 25.48
N MET B 204 4.45 -2.91 24.54
CA MET B 204 3.67 -1.70 24.82
C MET B 204 2.21 -2.08 25.11
N ASN B 205 1.44 -1.13 25.63
CA ASN B 205 0.02 -1.33 25.90
C ASN B 205 -0.78 -1.24 24.59
N THR B 206 -0.21 -0.59 23.55
CA THR B 206 -0.86 -0.39 22.26
C THR B 206 0.01 -0.84 21.08
N ILE B 207 -0.64 -1.45 20.06
CA ILE B 207 -0.06 -1.85 18.78
C ILE B 207 0.20 -0.54 18.01
N ARG B 208 1.43 -0.37 17.48
CA ARG B 208 1.82 0.86 16.76
C ARG B 208 2.87 0.61 15.69
N SER B 209 2.61 1.12 14.49
CA SER B 209 3.60 1.18 13.41
C SER B 209 3.63 2.66 13.06
N GLY B 210 4.78 3.16 12.63
CA GLY B 210 4.93 4.57 12.30
C GLY B 210 4.69 5.53 13.45
N ALA B 211 4.98 5.08 14.69
CA ALA B 211 4.90 5.94 15.88
C ALA B 211 6.21 6.74 15.97
N GLY B 212 6.16 7.85 16.67
CA GLY B 212 7.35 8.64 16.96
C GLY B 212 7.98 8.06 18.21
N VAL B 213 9.22 7.58 18.11
CA VAL B 213 9.94 6.97 19.24
C VAL B 213 11.23 7.76 19.57
N CYS B 214 11.35 8.20 20.84
CA CYS B 214 12.51 8.96 21.31
C CYS B 214 12.83 8.66 22.78
N VAL B 215 13.95 9.23 23.26
CA VAL B 215 14.39 9.12 24.64
C VAL B 215 14.41 10.51 25.30
N LEU B 216 13.79 10.62 26.46
CA LEU B 216 13.74 11.82 27.28
C LEU B 216 13.78 11.44 28.76
N HIS B 217 14.75 12.02 29.51
CA HIS B 217 14.97 11.82 30.95
C HIS B 217 14.97 10.35 31.34
N ASN B 218 15.84 9.55 30.68
CA ASN B 218 16.02 8.11 30.92
C ASN B 218 14.79 7.21 30.60
N CYS B 219 13.82 7.74 29.83
CA CYS B 219 12.62 7.00 29.44
C CYS B 219 12.45 6.95 27.92
N ILE B 220 11.84 5.87 27.42
CA ILE B 220 11.53 5.75 26.00
C ILE B 220 10.08 6.20 25.83
N TYR B 221 9.83 7.11 24.88
CA TYR B 221 8.46 7.53 24.59
C TYR B 221 8.05 7.02 23.21
N ALA B 222 6.82 6.51 23.10
CA ALA B 222 6.23 6.05 21.85
C ALA B 222 4.95 6.89 21.69
N ALA B 223 4.94 7.80 20.69
CA ALA B 223 3.84 8.71 20.43
C ALA B 223 3.15 8.45 19.10
N GLY B 224 1.82 8.38 19.14
CA GLY B 224 0.98 8.14 17.96
C GLY B 224 1.21 6.83 17.26
N GLY B 225 1.08 6.86 15.94
CA GLY B 225 1.23 5.67 15.10
C GLY B 225 -0.07 5.22 14.46
N TYR B 226 0.00 4.04 13.84
CA TYR B 226 -1.05 3.36 13.08
C TYR B 226 -1.21 1.91 13.58
N ASP B 227 -2.45 1.40 13.64
CA ASP B 227 -2.73 0.02 14.08
C ASP B 227 -3.32 -0.90 12.99
N GLY B 228 -3.38 -0.40 11.76
CA GLY B 228 -3.97 -1.11 10.62
C GLY B 228 -5.34 -0.56 10.27
N GLN B 229 -5.96 0.16 11.22
CA GLN B 229 -7.27 0.76 11.05
C GLN B 229 -7.23 2.27 11.33
N ASP B 230 -6.78 2.64 12.55
CA ASP B 230 -6.75 4.02 13.02
C ASP B 230 -5.35 4.62 13.25
N GLN B 231 -5.29 5.96 13.21
CA GLN B 231 -4.12 6.78 13.54
C GLN B 231 -4.35 7.13 14.99
N LEU B 232 -3.27 7.19 15.79
CA LEU B 232 -3.37 7.36 17.25
C LEU B 232 -2.83 8.69 17.78
N ASN B 233 -3.40 9.19 18.90
CA ASN B 233 -2.94 10.39 19.60
C ASN B 233 -2.35 10.00 20.97
N SER B 234 -2.51 8.72 21.35
CA SER B 234 -1.99 8.19 22.63
C SER B 234 -0.48 8.14 22.67
N VAL B 235 0.08 8.44 23.84
CA VAL B 235 1.52 8.48 24.07
C VAL B 235 1.80 7.61 25.30
N GLU B 236 2.77 6.70 25.19
CA GLU B 236 3.21 5.89 26.31
C GLU B 236 4.71 6.00 26.56
N ARG B 237 5.12 5.77 27.80
CA ARG B 237 6.51 5.89 28.25
C ARG B 237 7.01 4.60 28.92
N TYR B 238 8.20 4.13 28.50
CA TYR B 238 8.83 2.95 29.08
C TYR B 238 9.84 3.38 30.16
N ASP B 239 9.72 2.79 31.35
CA ASP B 239 10.66 3.04 32.45
C ASP B 239 11.49 1.78 32.62
N VAL B 240 12.81 1.88 32.43
CA VAL B 240 13.74 0.75 32.49
C VAL B 240 13.80 0.02 33.86
N ALA B 241 13.76 0.79 34.98
CA ALA B 241 13.83 0.26 36.35
C ALA B 241 12.67 -0.67 36.68
N THR B 242 11.42 -0.26 36.34
CA THR B 242 10.20 -1.03 36.58
C THR B 242 9.84 -1.95 35.40
N ALA B 243 10.50 -1.78 34.23
CA ALA B 243 10.24 -2.52 32.97
C ALA B 243 8.75 -2.44 32.57
N THR B 244 8.14 -1.26 32.77
CA THR B 244 6.73 -1.03 32.48
C THR B 244 6.52 0.14 31.51
N TRP B 245 5.43 0.06 30.72
CA TRP B 245 4.98 1.11 29.80
C TRP B 245 3.77 1.77 30.46
N THR B 246 3.79 3.11 30.57
CA THR B 246 2.74 3.91 31.20
C THR B 246 2.26 4.99 30.23
N PHE B 247 0.93 5.17 30.11
CA PHE B 247 0.35 6.22 29.27
C PHE B 247 0.58 7.57 29.92
N VAL B 248 0.91 8.58 29.12
CA VAL B 248 1.07 9.96 29.56
C VAL B 248 -0.02 10.74 28.82
N ALA B 249 0.00 12.09 28.89
CA ALA B 249 -0.99 12.91 28.19
C ALA B 249 -0.98 12.60 26.68
N PRO B 250 -2.17 12.42 26.04
CA PRO B 250 -2.18 12.17 24.60
C PRO B 250 -1.90 13.48 23.83
N MET B 251 -1.45 13.39 22.57
CA MET B 251 -1.24 14.58 21.73
C MET B 251 -2.62 15.15 21.36
N LYS B 252 -2.68 16.42 20.93
CA LYS B 252 -3.95 17.02 20.49
C LYS B 252 -4.40 16.37 19.17
N HIS B 253 -3.45 16.09 18.25
CA HIS B 253 -3.72 15.48 16.95
C HIS B 253 -3.30 14.04 16.85
N ARG B 254 -4.19 13.19 16.29
CA ARG B 254 -3.90 11.79 15.98
C ARG B 254 -2.91 11.86 14.83
N ARG B 255 -1.84 11.04 14.87
CA ARG B 255 -0.84 11.10 13.80
C ARG B 255 -0.03 9.82 13.66
N SER B 256 0.17 9.40 12.41
CA SER B 256 1.03 8.27 12.05
C SER B 256 2.12 8.85 11.12
N ALA B 257 3.29 8.20 11.05
CA ALA B 257 4.41 8.64 10.22
C ALA B 257 4.81 10.11 10.52
N LEU B 258 4.80 10.42 11.79
CA LEU B 258 5.20 11.71 12.34
C LEU B 258 6.71 11.68 12.54
N GLY B 259 7.30 12.85 12.52
CA GLY B 259 8.71 13.02 12.84
C GLY B 259 8.79 13.34 14.31
N ILE B 260 9.88 12.94 14.98
CA ILE B 260 10.04 13.19 16.40
C ILE B 260 11.50 13.53 16.75
N THR B 261 11.65 14.37 17.76
CA THR B 261 12.94 14.74 18.32
C THR B 261 12.80 15.31 19.74
N VAL B 262 13.93 15.49 20.42
CA VAL B 262 14.02 16.05 21.77
C VAL B 262 14.95 17.25 21.69
N HIS B 263 14.49 18.39 22.21
CA HIS B 263 15.25 19.64 22.22
C HIS B 263 14.99 20.33 23.55
N GLN B 264 16.07 20.58 24.31
CA GLN B 264 16.07 21.24 25.63
C GLN B 264 15.03 20.68 26.62
N GLY B 265 15.09 19.35 26.82
CA GLY B 265 14.20 18.65 27.74
C GLY B 265 12.74 18.53 27.33
N ARG B 266 12.41 18.81 26.07
CA ARG B 266 11.03 18.68 25.59
C ARG B 266 10.97 17.85 24.32
N ILE B 267 9.83 17.14 24.09
CA ILE B 267 9.62 16.32 22.90
C ILE B 267 8.89 17.17 21.84
N TYR B 268 9.35 17.11 20.60
CA TYR B 268 8.71 17.79 19.47
C TYR B 268 8.24 16.75 18.48
N VAL B 269 6.95 16.80 18.09
CA VAL B 269 6.36 15.93 17.07
C VAL B 269 6.02 16.78 15.84
N LEU B 270 6.48 16.37 14.65
CA LEU B 270 6.32 17.12 13.40
C LEU B 270 5.49 16.37 12.36
N GLY B 271 4.37 17.00 11.94
CA GLY B 271 3.48 16.49 10.92
C GLY B 271 2.92 15.10 11.13
N GLY B 272 2.83 14.37 10.03
CA GLY B 272 2.25 13.03 10.03
C GLY B 272 0.90 13.01 9.33
N TYR B 273 0.25 11.85 9.34
CA TYR B 273 -1.06 11.66 8.71
C TYR B 273 -2.12 11.37 9.76
N ASP B 274 -3.26 12.09 9.74
CA ASP B 274 -4.32 11.87 10.75
C ASP B 274 -5.50 11.02 10.29
N GLY B 275 -5.42 10.48 9.08
CA GLY B 275 -6.51 9.71 8.49
C GLY B 275 -7.30 10.49 7.46
N HIS B 276 -7.04 11.81 7.34
CA HIS B 276 -7.72 12.70 6.41
C HIS B 276 -6.76 13.73 5.79
N THR B 277 -5.90 14.30 6.62
CA THR B 277 -4.98 15.39 6.27
C THR B 277 -3.50 15.04 6.55
N PHE B 278 -2.61 15.67 5.80
CA PHE B 278 -1.16 15.62 5.99
C PHE B 278 -0.86 16.87 6.81
N LEU B 279 -0.62 16.65 8.10
CA LEU B 279 -0.43 17.70 9.11
C LEU B 279 0.79 18.59 8.92
N ASP B 280 0.63 19.89 9.21
CA ASP B 280 1.70 20.87 9.25
C ASP B 280 2.00 21.19 10.72
N SER B 281 1.14 20.69 11.62
CA SER B 281 1.17 20.86 13.07
C SER B 281 2.44 20.31 13.74
N VAL B 282 3.02 21.12 14.63
CA VAL B 282 4.19 20.76 15.44
C VAL B 282 3.77 20.91 16.90
N GLU B 283 3.70 19.77 17.62
CA GLU B 283 3.33 19.76 19.04
C GLU B 283 4.56 19.57 19.91
N CYS B 284 4.52 20.16 21.10
CA CYS B 284 5.61 20.11 22.07
C CYS B 284 5.13 19.54 23.39
N TYR B 285 5.83 18.53 23.93
CA TYR B 285 5.49 17.89 25.20
C TYR B 285 6.44 18.35 26.30
N ASP B 286 5.86 18.85 27.41
CA ASP B 286 6.60 19.27 28.59
C ASP B 286 6.45 18.16 29.63
N PRO B 287 7.54 17.43 29.98
CA PRO B 287 7.41 16.32 30.96
C PRO B 287 7.09 16.78 32.40
N ASP B 288 7.45 18.02 32.77
CA ASP B 288 7.19 18.58 34.11
C ASP B 288 5.71 18.80 34.37
N THR B 289 4.96 19.28 33.36
CA THR B 289 3.53 19.56 33.46
C THR B 289 2.64 18.47 32.85
N ASP B 290 3.24 17.50 32.11
CA ASP B 290 2.55 16.41 31.39
C ASP B 290 1.51 17.01 30.43
N THR B 291 1.96 18.00 29.62
CA THR B 291 1.08 18.70 28.69
C THR B 291 1.71 18.86 27.32
N TRP B 292 0.85 18.80 26.30
CA TRP B 292 1.21 19.02 24.91
C TRP B 292 0.67 20.38 24.50
N SER B 293 1.44 21.14 23.72
CA SER B 293 1.03 22.44 23.19
C SER B 293 1.48 22.59 21.74
N GLU B 294 0.71 23.32 20.92
CA GLU B 294 1.09 23.57 19.54
C GLU B 294 2.08 24.74 19.55
N VAL B 295 3.29 24.53 19.02
CA VAL B 295 4.35 25.54 19.03
C VAL B 295 4.54 26.30 17.73
N THR B 296 4.34 25.62 16.61
CA THR B 296 4.53 26.17 15.27
C THR B 296 3.84 25.27 14.26
N ARG B 297 3.93 25.68 13.00
CA ARG B 297 3.42 24.93 11.87
C ARG B 297 4.55 24.85 10.89
N MET B 298 4.69 23.71 10.21
CA MET B 298 5.67 23.56 9.14
C MET B 298 5.15 24.44 7.98
N THR B 299 6.03 24.79 7.02
CA THR B 299 5.66 25.63 5.87
C THR B 299 4.53 25.00 5.01
N SER B 300 4.40 23.65 5.08
CA SER B 300 3.37 22.86 4.40
C SER B 300 3.22 21.49 5.09
N GLY B 301 2.00 20.94 5.04
CA GLY B 301 1.69 19.64 5.60
C GLY B 301 2.41 18.51 4.92
N ARG B 302 2.87 17.50 5.70
CA ARG B 302 3.61 16.34 5.22
C ARG B 302 3.71 15.24 6.28
N SER B 303 3.95 14.00 5.84
CA SER B 303 4.16 12.84 6.69
C SER B 303 5.47 12.18 6.24
N GLY B 304 5.97 11.21 7.00
CA GLY B 304 7.15 10.44 6.64
C GLY B 304 8.46 11.21 6.56
N VAL B 305 8.62 12.28 7.36
CA VAL B 305 9.83 13.10 7.41
C VAL B 305 10.93 12.43 8.27
N GLY B 306 12.17 12.84 8.01
CA GLY B 306 13.35 12.49 8.80
C GLY B 306 13.66 13.70 9.64
N VAL B 307 13.88 13.52 10.96
CA VAL B 307 14.12 14.62 11.91
C VAL B 307 15.39 14.40 12.75
N ALA B 308 16.14 15.49 13.03
CA ALA B 308 17.33 15.50 13.89
C ALA B 308 17.64 16.93 14.39
N VAL B 309 18.42 17.04 15.48
CA VAL B 309 18.79 18.30 16.14
C VAL B 309 20.32 18.49 16.11
N THR B 310 20.78 19.67 15.64
CA THR B 310 22.19 20.09 15.63
C THR B 310 22.35 21.60 15.70
N GLY C 1 2.07 3.14 -7.46
CA GLY C 1 3.53 3.12 -7.46
C GLY C 1 4.11 2.27 -8.58
N ASP C 2 3.24 1.70 -9.43
CA ASP C 2 3.62 0.90 -10.60
C ASP C 2 2.80 1.32 -11.81
N GLU C 3 3.27 1.02 -13.02
CA GLU C 3 2.62 1.38 -14.27
C GLU C 3 1.33 0.62 -14.57
N GLU C 4 1.18 -0.59 -14.04
CA GLU C 4 0.02 -1.44 -14.27
C GLU C 4 -1.25 -0.97 -13.52
N THR C 5 -1.10 -0.54 -12.26
CA THR C 5 -2.25 -0.12 -11.45
C THR C 5 -2.26 1.35 -11.11
N GLY C 6 -1.09 1.98 -11.16
CA GLY C 6 -0.93 3.37 -10.76
C GLY C 6 -0.60 3.49 -9.29
N GLU C 7 -0.54 2.35 -8.57
CA GLU C 7 -0.20 2.29 -7.15
C GLU C 7 1.32 2.13 -7.02
C ACT D . -16.08 -30.38 -17.16
O ACT D . -15.29 -31.34 -17.02
OXT ACT D . -16.43 -29.57 -16.25
CH3 ACT D . -16.69 -30.15 -18.58
C ACT E . -10.98 -24.46 -25.18
O ACT E . -10.17 -25.05 -25.92
OXT ACT E . -11.44 -23.31 -25.36
CH3 ACT E . -11.48 -25.23 -23.94
C ACT F . -0.09 -17.52 1.62
O ACT F . -0.48 -16.57 0.92
OXT ACT F . 0.07 -17.48 2.86
CH3 ACT F . 0.21 -18.87 0.92
C ACT G . 5.87 -17.16 -5.94
O ACT G . 5.94 -16.07 -6.55
OXT ACT G . 5.05 -17.41 -5.02
CH3 ACT G . 6.86 -18.26 -6.39
C ACT H . 26.16 -4.47 25.85
O ACT H . 26.37 -3.69 24.91
OXT ACT H . 26.29 -5.72 25.79
CH3 ACT H . 25.73 -3.86 27.19
C ACT I . 2.34 -0.60 8.20
O ACT I . 1.78 -0.66 9.31
OXT ACT I . 1.89 -1.15 7.17
CH3 ACT I . 3.66 0.21 8.12
C ACT J . 15.52 -3.56 29.22
O ACT J . 15.09 -2.38 29.19
OXT ACT J . 14.94 -4.51 29.78
CH3 ACT J . 16.86 -3.86 28.52
C ACT K . 4.89 8.11 1.81
O ACT K . 5.54 7.79 0.79
OXT ACT K . 5.39 8.66 2.82
CH3 ACT K . 3.37 7.80 1.83
C ACT L . 16.57 -7.27 -0.22
O ACT L . 17.14 -7.44 -1.33
OXT ACT L . 15.88 -6.29 0.08
CH3 ACT L . 16.75 -8.36 0.86
C ACT M . 3.21 8.09 5.54
O ACT M . 3.74 6.98 5.70
OXT ACT M . 3.78 9.07 4.99
CH3 ACT M . 1.76 8.29 6.09
#